data_8DHJ
#
_entry.id   8DHJ
#
_cell.length_a   71.459
_cell.length_b   42.677
_cell.length_c   86.739
_cell.angle_alpha   90.000
_cell.angle_beta   106.420
_cell.angle_gamma   90.000
#
_symmetry.space_group_name_H-M   'P 1 21 1'
#
loop_
_entity.id
_entity.type
_entity.pdbx_description
1 polymer 'TYR_PHOSPHATASE_2 domain-containing protein'
2 non-polymer '4-(2-HYDROXYETHYL)-1-PIPERAZINE ETHANESULFONIC ACID'
3 non-polymer 'CHLORIDE ION'
4 water water
#
_entity_poly.entity_id   1
_entity_poly.type   'polypeptide(L)'
_entity_poly.pdbx_seq_one_letter_code
;GGGMKNFRDLGGNKTEDGRTVKKGLFYRSAKLSNLSENDIKILKELNIKYIFDYRSDEEARKHPSTIISNIKNIRIPAMR
ELEESGGSFGSIEDMIDGLFEKDGAFNMLNNSYYNLPINNPSYKKLVELIRDYSNLPILNHCTAGKDRTGVGSAIILMIL
GVSRENIMKDYLKSNDFADKEIERFIEYKPKFKDIPKENLKYIFGVNEEYMKTAFRRIDEEYISVEAYLYGEFNLNKEEI
RKLRNQYLE
;
_entity_poly.pdbx_strand_id   A,B
#
# COMPACT_ATOMS: atom_id res chain seq x y z
N GLY A 3 1.80 11.46 8.72
CA GLY A 3 0.74 11.86 7.82
C GLY A 3 -0.64 11.48 8.31
N MET A 4 -1.41 10.83 7.44
CA MET A 4 -2.74 10.33 7.77
C MET A 4 -2.72 8.82 7.67
N LYS A 5 -3.43 8.15 8.56
CA LYS A 5 -3.27 6.72 8.75
C LYS A 5 -4.47 5.96 8.20
N ASN A 6 -4.21 4.74 7.76
CA ASN A 6 -5.24 3.83 7.28
C ASN A 6 -6.12 4.47 6.22
N PHE A 7 -5.48 5.24 5.33
CA PHE A 7 -6.17 6.10 4.37
C PHE A 7 -6.19 5.43 3.01
N ARG A 8 -7.38 5.40 2.38
CA ARG A 8 -7.44 4.89 1.01
C ARG A 8 -8.68 5.42 0.29
N ASP A 9 -8.57 5.48 -1.04
CA ASP A 9 -9.66 5.77 -1.94
C ASP A 9 -10.39 4.48 -2.27
N LEU A 10 -11.73 4.48 -2.16
CA LEU A 10 -12.50 3.30 -2.54
C LEU A 10 -12.54 3.08 -4.04
N GLY A 11 -12.12 4.08 -4.82
CA GLY A 11 -12.08 3.89 -6.26
C GLY A 11 -11.18 2.74 -6.65
N GLY A 12 -11.50 2.12 -7.78
CA GLY A 12 -10.74 0.99 -8.26
C GLY A 12 -11.32 -0.36 -7.89
N ASN A 13 -12.24 -0.39 -6.93
CA ASN A 13 -12.94 -1.63 -6.63
C ASN A 13 -13.84 -2.05 -7.78
N LYS A 14 -13.87 -3.35 -8.05
CA LYS A 14 -14.68 -3.91 -9.13
C LYS A 14 -16.08 -4.19 -8.62
N THR A 15 -17.07 -4.00 -9.49
CA THR A 15 -18.45 -4.29 -9.14
C THR A 15 -18.91 -5.57 -9.84
N GLU A 16 -20.01 -6.13 -9.34
CA GLU A 16 -20.50 -7.39 -9.88
C GLU A 16 -20.99 -7.25 -11.32
N ASP A 17 -21.42 -6.06 -11.72
CA ASP A 17 -21.86 -5.85 -13.10
C ASP A 17 -20.72 -5.60 -14.07
N GLY A 18 -19.47 -5.59 -13.59
CA GLY A 18 -18.31 -5.48 -14.44
C GLY A 18 -17.64 -4.12 -14.46
N ARG A 19 -18.24 -3.10 -13.86
CA ARG A 19 -17.65 -1.77 -13.85
C ARG A 19 -16.65 -1.63 -12.70
N THR A 20 -16.10 -0.42 -12.58
CA THR A 20 -15.15 -0.10 -11.52
C THR A 20 -15.58 1.20 -10.86
N VAL A 21 -15.42 1.27 -9.53
CA VAL A 21 -15.73 2.50 -8.81
C VAL A 21 -14.78 3.59 -9.27
N LYS A 22 -15.33 4.77 -9.58
CA LYS A 22 -14.49 5.90 -9.95
C LYS A 22 -13.59 6.32 -8.78
N LYS A 23 -12.39 6.76 -9.11
CA LYS A 23 -11.48 7.34 -8.14
C LYS A 23 -11.92 8.76 -7.77
N GLY A 24 -11.43 9.22 -6.62
CA GLY A 24 -11.59 10.60 -6.23
C GLY A 24 -12.93 10.99 -5.64
N LEU A 25 -13.79 10.04 -5.29
CA LEU A 25 -15.13 10.32 -4.77
C LEU A 25 -15.34 9.91 -3.32
N PHE A 26 -14.84 8.75 -2.94
CA PHE A 26 -15.06 8.20 -1.61
C PHE A 26 -13.74 7.81 -0.97
N TYR A 27 -13.39 8.43 0.14
CA TYR A 27 -12.19 8.10 0.88
C TYR A 27 -12.54 7.62 2.28
N ARG A 28 -11.64 6.81 2.86
CA ARG A 28 -11.78 6.35 4.23
C ARG A 28 -10.44 6.51 4.95
N SER A 29 -10.48 6.72 6.26
CA SER A 29 -9.24 6.86 7.00
C SER A 29 -9.47 6.66 8.49
N ALA A 30 -8.37 6.63 9.23
CA ALA A 30 -8.38 6.78 10.68
C ALA A 30 -8.55 8.25 11.07
N LYS A 31 -8.44 8.56 12.36
CA LYS A 31 -8.75 9.91 12.84
C LYS A 31 -7.84 10.96 12.19
N LEU A 32 -8.33 12.21 12.18
CA LEU A 32 -7.68 13.31 11.50
C LEU A 32 -7.37 14.42 12.48
N SER A 33 -6.79 14.05 13.63
N SER A 33 -6.76 14.05 13.60
CA SER A 33 -6.29 15.03 14.58
CA SER A 33 -6.28 15.01 14.58
C SER A 33 -4.79 15.24 14.34
C SER A 33 -4.78 15.21 14.42
N ASN A 34 -4.31 16.42 14.71
CA ASN A 34 -2.90 16.76 14.55
C ASN A 34 -2.38 16.54 13.12
N LEU A 35 -3.18 16.95 12.14
CA LEU A 35 -2.72 16.92 10.76
C LEU A 35 -1.63 17.96 10.56
N SER A 36 -0.62 17.62 9.77
CA SER A 36 0.39 18.58 9.38
C SER A 36 -0.16 19.49 8.28
N GLU A 37 0.55 20.61 8.04
CA GLU A 37 0.11 21.47 6.96
C GLU A 37 0.20 20.77 5.60
N ASN A 38 1.10 19.79 5.47
CA ASN A 38 1.15 19.01 4.23
C ASN A 38 -0.05 18.08 4.11
N ASP A 39 -0.45 17.45 5.21
CA ASP A 39 -1.66 16.62 5.19
C ASP A 39 -2.87 17.43 4.76
N ILE A 40 -2.97 18.66 5.28
CA ILE A 40 -4.06 19.55 4.89
C ILE A 40 -3.99 19.87 3.40
N LYS A 41 -2.78 20.09 2.89
CA LYS A 41 -2.60 20.34 1.47
C LYS A 41 -3.10 19.15 0.63
N ILE A 42 -2.80 17.93 1.07
CA ILE A 42 -3.27 16.74 0.37
C ILE A 42 -4.80 16.74 0.30
N LEU A 43 -5.45 16.94 1.44
CA LEU A 43 -6.91 16.84 1.47
C LEU A 43 -7.55 17.95 0.62
N LYS A 44 -6.97 19.15 0.65
CA LYS A 44 -7.50 20.23 -0.18
C LYS A 44 -7.32 19.93 -1.65
N GLU A 45 -6.18 19.36 -2.04
CA GLU A 45 -5.96 19.06 -3.45
C GLU A 45 -6.82 17.92 -3.95
N LEU A 46 -7.32 17.07 -3.05
CA LEU A 46 -8.32 16.06 -3.42
C LEU A 46 -9.71 16.64 -3.52
N ASN A 47 -9.89 17.92 -3.16
CA ASN A 47 -11.15 18.65 -3.33
C ASN A 47 -12.26 18.09 -2.45
N ILE A 48 -11.88 17.46 -1.33
CA ILE A 48 -12.88 16.88 -0.44
C ILE A 48 -13.79 17.99 0.07
N LYS A 49 -15.10 17.73 0.05
CA LYS A 49 -16.11 18.70 0.48
C LYS A 49 -16.60 18.44 1.89
N TYR A 50 -16.73 17.17 2.28
CA TYR A 50 -17.24 16.81 3.60
C TYR A 50 -16.36 15.73 4.19
N ILE A 51 -16.05 15.90 5.48
CA ILE A 51 -15.44 14.86 6.28
C ILE A 51 -16.52 14.36 7.23
N PHE A 52 -16.78 13.06 7.17
CA PHE A 52 -17.84 12.44 7.95
C PHE A 52 -17.22 11.59 9.05
N ASP A 53 -17.55 11.91 10.29
CA ASP A 53 -16.89 11.42 11.49
C ASP A 53 -17.88 10.56 12.26
N TYR A 54 -17.51 9.30 12.55
CA TYR A 54 -18.40 8.40 13.26
C TYR A 54 -18.19 8.38 14.77
N ARG A 55 -17.27 9.20 15.30
CA ARG A 55 -16.84 9.00 16.68
C ARG A 55 -17.84 9.54 17.70
N SER A 56 -17.69 9.06 18.94
CA SER A 56 -18.51 9.50 20.05
C SER A 56 -18.14 10.92 20.45
N ASP A 57 -19.04 11.54 21.25
CA ASP A 57 -18.76 12.88 21.77
C ASP A 57 -17.46 12.91 22.55
N GLU A 58 -17.23 11.91 23.40
CA GLU A 58 -16.02 11.91 24.22
C GLU A 58 -14.77 11.74 23.37
N GLU A 59 -14.81 10.85 22.37
CA GLU A 59 -13.67 10.70 21.47
C GLU A 59 -13.34 11.99 20.76
N ALA A 60 -14.37 12.70 20.26
CA ALA A 60 -14.13 13.94 19.55
C ALA A 60 -13.64 15.05 20.48
N ARG A 61 -14.07 15.03 21.74
CA ARG A 61 -13.57 16.02 22.69
C ARG A 61 -12.09 15.80 22.98
N LYS A 62 -11.68 14.55 23.15
CA LYS A 62 -10.29 14.24 23.49
C LYS A 62 -9.37 14.38 22.29
N HIS A 63 -9.87 14.15 21.08
CA HIS A 63 -9.05 14.18 19.86
C HIS A 63 -9.78 14.95 18.76
N PRO A 64 -9.88 16.27 18.90
CA PRO A 64 -10.58 17.06 17.89
CA PRO A 64 -10.58 17.07 17.90
C PRO A 64 -9.88 17.02 16.55
N SER A 65 -10.67 16.97 15.49
CA SER A 65 -10.12 16.97 14.14
C SER A 65 -9.50 18.34 13.83
N THR A 66 -8.41 18.31 13.05
CA THR A 66 -7.79 19.56 12.60
C THR A 66 -8.74 20.27 11.65
N ILE A 67 -8.83 21.59 11.80
CA ILE A 67 -9.70 22.40 10.96
C ILE A 67 -9.08 22.57 9.58
N ILE A 68 -9.89 22.44 8.53
CA ILE A 68 -9.44 22.68 7.18
C ILE A 68 -10.39 23.66 6.54
N SER A 69 -9.86 24.78 6.06
CA SER A 69 -10.69 25.76 5.38
CA SER A 69 -10.68 25.76 5.37
C SER A 69 -11.34 25.13 4.16
N ASN A 70 -12.62 25.42 3.97
CA ASN A 70 -13.43 24.97 2.84
C ASN A 70 -13.82 23.50 2.92
N ILE A 71 -13.55 22.79 4.02
CA ILE A 71 -14.03 21.42 4.18
C ILE A 71 -14.94 21.39 5.40
N LYS A 72 -16.18 20.91 5.21
CA LYS A 72 -17.15 20.89 6.29
C LYS A 72 -17.13 19.54 7.00
N ASN A 73 -17.18 19.59 8.32
CA ASN A 73 -17.12 18.39 9.14
C ASN A 73 -18.51 18.08 9.69
N ILE A 74 -18.93 16.83 9.52
CA ILE A 74 -20.19 16.33 10.08
C ILE A 74 -19.86 15.13 10.94
N ARG A 75 -20.30 15.15 12.20
CA ARG A 75 -20.06 14.03 13.11
C ARG A 75 -21.38 13.52 13.66
N ILE A 76 -21.64 12.22 13.48
CA ILE A 76 -22.77 11.55 14.09
C ILE A 76 -22.24 10.23 14.65
N PRO A 77 -22.34 9.98 15.94
CA PRO A 77 -21.80 8.72 16.49
C PRO A 77 -22.49 7.50 15.89
N ALA A 78 -21.68 6.56 15.41
CA ALA A 78 -22.19 5.32 14.85
C ALA A 78 -22.43 4.25 15.90
N MET A 79 -21.80 4.35 17.05
CA MET A 79 -22.06 3.42 18.15
C MET A 79 -22.87 4.09 19.24
N ARG A 80 -23.58 3.25 19.97
CA ARG A 80 -24.55 3.66 20.95
C ARG A 80 -23.89 4.24 22.21
N ILE A 92 -6.10 -1.61 27.27
CA ILE A 92 -5.63 -2.59 26.28
C ILE A 92 -5.12 -3.86 26.97
N GLU A 93 -4.41 -3.66 28.09
CA GLU A 93 -3.89 -4.81 28.84
C GLU A 93 -5.03 -5.70 29.31
N ASP A 94 -6.13 -5.11 29.78
CA ASP A 94 -7.27 -5.90 30.20
C ASP A 94 -7.89 -6.66 29.04
N MET A 95 -7.99 -6.02 27.86
CA MET A 95 -8.53 -6.70 26.70
C MET A 95 -7.70 -7.91 26.32
N ILE A 96 -6.38 -7.82 26.48
CA ILE A 96 -5.50 -8.91 26.05
C ILE A 96 -5.72 -10.15 26.90
N ASP A 97 -5.79 -9.99 28.22
CA ASP A 97 -5.87 -11.14 29.11
C ASP A 97 -7.15 -11.94 28.89
N GLY A 98 -8.27 -11.24 28.71
CA GLY A 98 -9.54 -11.92 28.58
C GLY A 98 -10.02 -12.03 27.15
N LEU A 99 -9.08 -11.90 26.20
CA LEU A 99 -9.39 -11.69 24.79
C LEU A 99 -10.43 -12.66 24.25
N PHE A 100 -10.27 -13.95 24.56
CA PHE A 100 -11.12 -14.98 23.97
C PHE A 100 -12.15 -15.54 24.95
N GLU A 101 -12.26 -14.94 26.13
CA GLU A 101 -13.22 -15.40 27.12
C GLU A 101 -14.63 -14.93 26.74
N LYS A 102 -15.62 -15.42 27.50
CA LYS A 102 -17.02 -15.20 27.16
C LYS A 102 -17.32 -13.72 26.98
N ASP A 103 -16.89 -12.89 27.92
CA ASP A 103 -17.13 -11.45 27.88
C ASP A 103 -15.92 -10.68 27.37
N GLY A 104 -14.99 -11.35 26.70
CA GLY A 104 -13.76 -10.74 26.27
C GLY A 104 -13.91 -9.90 25.01
N ALA A 105 -12.78 -9.32 24.61
CA ALA A 105 -12.78 -8.28 23.58
C ALA A 105 -13.15 -8.81 22.21
N PHE A 106 -12.82 -10.07 21.90
CA PHE A 106 -13.22 -10.62 20.61
C PHE A 106 -14.74 -10.72 20.52
N ASN A 107 -15.36 -11.32 21.54
CA ASN A 107 -16.82 -11.46 21.53
C ASN A 107 -17.50 -10.10 21.59
N MET A 108 -16.98 -9.17 22.38
CA MET A 108 -17.63 -7.87 22.49
C MET A 108 -17.54 -7.07 21.19
N LEU A 109 -16.40 -7.13 20.50
CA LEU A 109 -16.30 -6.42 19.23
C LEU A 109 -17.20 -7.06 18.18
N ASN A 110 -17.29 -8.39 18.18
CA ASN A 110 -18.24 -9.05 17.29
C ASN A 110 -19.66 -8.54 17.55
N ASN A 111 -20.04 -8.44 18.82
CA ASN A 111 -21.37 -7.94 19.15
CA ASN A 111 -21.37 -7.94 19.15
C ASN A 111 -21.56 -6.51 18.66
N SER A 112 -20.51 -5.70 18.71
CA SER A 112 -20.63 -4.34 18.18
C SER A 112 -20.94 -4.36 16.70
N TYR A 113 -20.27 -5.24 15.95
CA TYR A 113 -20.56 -5.34 14.52
C TYR A 113 -21.99 -5.82 14.26
N TYR A 114 -22.51 -6.70 15.12
CA TYR A 114 -23.89 -7.14 14.96
C TYR A 114 -24.86 -5.97 15.07
N ASN A 115 -24.51 -4.96 15.87
CA ASN A 115 -25.39 -3.83 16.12
C ASN A 115 -25.16 -2.66 15.19
N LEU A 116 -24.15 -2.71 14.33
CA LEU A 116 -23.83 -1.56 13.49
C LEU A 116 -24.77 -1.34 12.30
N PRO A 117 -25.11 -2.35 11.49
CA PRO A 117 -25.74 -2.03 10.20
C PRO A 117 -27.21 -1.64 10.23
N ILE A 118 -27.94 -1.86 11.32
CA ILE A 118 -29.39 -1.69 11.36
C ILE A 118 -29.74 -0.44 12.16
N ASN A 119 -30.67 0.35 11.62
CA ASN A 119 -31.20 1.55 12.30
C ASN A 119 -30.08 2.44 12.82
N ASN A 120 -29.06 2.66 11.99
CA ASN A 120 -27.91 3.44 12.41
C ASN A 120 -28.07 4.87 11.94
N PRO A 121 -28.22 5.85 12.83
CA PRO A 121 -28.41 7.24 12.37
C PRO A 121 -27.20 7.79 11.66
N SER A 122 -26.02 7.27 12.00
CA SER A 122 -24.80 7.75 11.36
C SER A 122 -24.74 7.26 9.92
N TYR A 123 -24.95 5.96 9.69
CA TYR A 123 -24.90 5.47 8.32
C TYR A 123 -26.06 6.02 7.48
N LYS A 124 -27.23 6.22 8.09
CA LYS A 124 -28.32 6.84 7.34
C LYS A 124 -27.93 8.22 6.82
N LYS A 125 -27.24 9.01 7.65
CA LYS A 125 -26.81 10.32 7.20
C LYS A 125 -25.73 10.22 6.15
N LEU A 126 -24.79 9.28 6.31
CA LEU A 126 -23.76 9.06 5.31
C LEU A 126 -24.39 8.75 3.95
N VAL A 127 -25.37 7.85 3.93
CA VAL A 127 -26.00 7.48 2.67
C VAL A 127 -26.77 8.66 2.09
N GLU A 128 -27.43 9.44 2.94
CA GLU A 128 -28.09 10.65 2.46
C GLU A 128 -27.09 11.57 1.77
N LEU A 129 -25.91 11.74 2.36
N LEU A 129 -25.90 11.71 2.35
CA LEU A 129 -24.91 12.61 1.78
CA LEU A 129 -24.89 12.61 1.80
C LEU A 129 -24.49 12.12 0.39
C LEU A 129 -24.37 12.13 0.45
N ILE A 130 -24.15 10.83 0.28
CA ILE A 130 -23.61 10.32 -0.97
C ILE A 130 -24.65 10.17 -2.07
N ARG A 131 -25.93 10.34 -1.76
CA ARG A 131 -26.97 10.29 -2.78
C ARG A 131 -26.93 11.47 -3.73
N ASP A 132 -26.18 12.53 -3.42
CA ASP A 132 -26.10 13.69 -4.29
CA ASP A 132 -26.10 13.72 -4.27
C ASP A 132 -24.65 13.96 -4.68
N TYR A 133 -24.39 13.90 -5.99
CA TYR A 133 -23.03 14.08 -6.52
C TYR A 133 -22.42 15.39 -6.07
N SER A 134 -23.24 16.43 -5.86
CA SER A 134 -22.69 17.72 -5.48
C SER A 134 -22.04 17.71 -4.10
N ASN A 135 -22.31 16.70 -3.28
CA ASN A 135 -21.69 16.59 -1.96
C ASN A 135 -20.33 15.92 -1.98
N LEU A 136 -19.92 15.36 -3.10
CA LEU A 136 -18.69 14.60 -3.20
C LEU A 136 -17.56 15.47 -3.70
N PRO A 137 -16.30 15.13 -3.41
CA PRO A 137 -15.84 13.94 -2.66
C PRO A 137 -16.08 14.01 -1.16
N ILE A 138 -16.18 12.83 -0.55
CA ILE A 138 -16.31 12.74 0.90
C ILE A 138 -15.23 11.82 1.46
N LEU A 139 -14.86 12.07 2.71
CA LEU A 139 -13.97 11.21 3.47
CA LEU A 139 -13.96 11.22 3.47
C LEU A 139 -14.71 10.78 4.72
N ASN A 140 -14.75 9.48 4.98
CA ASN A 140 -15.39 8.95 6.19
C ASN A 140 -14.34 8.34 7.11
N HIS A 141 -14.43 8.63 8.41
CA HIS A 141 -13.39 8.17 9.34
C HIS A 141 -13.97 7.97 10.73
N CYS A 142 -13.29 7.13 11.52
CA CYS A 142 -13.58 7.03 12.94
C CYS A 142 -12.27 7.23 13.70
N THR A 143 -11.92 6.35 14.64
CA THR A 143 -10.67 6.51 15.38
C THR A 143 -9.54 5.73 14.72
N ALA A 144 -9.73 4.42 14.56
CA ALA A 144 -8.77 3.59 13.84
C ALA A 144 -9.13 3.43 12.38
N GLY A 145 -10.29 3.89 11.94
CA GLY A 145 -10.66 3.70 10.56
C GLY A 145 -10.93 2.26 10.19
N LYS A 146 -11.23 1.41 11.17
CA LYS A 146 -11.29 -0.03 10.90
C LYS A 146 -12.64 -0.68 11.19
N ASP A 147 -13.38 -0.24 12.22
CA ASP A 147 -14.62 -0.89 12.60
C ASP A 147 -15.83 -0.05 12.16
N ARG A 148 -16.01 1.14 12.75
CA ARG A 148 -17.12 1.99 12.32
C ARG A 148 -16.97 2.40 10.87
N THR A 149 -15.76 2.78 10.46
CA THR A 149 -15.47 3.07 9.07
C THR A 149 -15.51 1.79 8.23
N GLY A 150 -15.18 0.65 8.83
CA GLY A 150 -15.32 -0.62 8.12
C GLY A 150 -16.73 -0.87 7.65
N VAL A 151 -17.71 -0.74 8.56
CA VAL A 151 -19.10 -1.00 8.17
C VAL A 151 -19.63 0.10 7.26
N GLY A 152 -19.30 1.37 7.56
CA GLY A 152 -19.77 2.46 6.71
C GLY A 152 -19.25 2.34 5.28
N SER A 153 -17.96 2.02 5.14
CA SER A 153 -17.38 1.87 3.81
C SER A 153 -17.98 0.66 3.10
N ALA A 154 -18.21 -0.41 3.85
CA ALA A 154 -18.87 -1.58 3.27
C ALA A 154 -20.25 -1.23 2.72
N ILE A 155 -20.99 -0.36 3.43
CA ILE A 155 -22.31 0.06 2.96
C ILE A 155 -22.20 0.85 1.65
N ILE A 156 -21.23 1.76 1.57
CA ILE A 156 -21.01 2.47 0.30
C ILE A 156 -20.75 1.46 -0.81
N LEU A 157 -19.87 0.49 -0.55
CA LEU A 157 -19.55 -0.51 -1.57
C LEU A 157 -20.75 -1.37 -1.92
N MET A 158 -21.62 -1.69 -0.96
CA MET A 158 -22.87 -2.38 -1.28
C MET A 158 -23.71 -1.57 -2.24
N ILE A 159 -23.88 -0.28 -1.95
CA ILE A 159 -24.67 0.60 -2.82
C ILE A 159 -24.11 0.57 -4.24
N LEU A 160 -22.77 0.56 -4.35
CA LEU A 160 -22.09 0.57 -5.65
C LEU A 160 -22.10 -0.80 -6.33
N GLY A 161 -22.48 -1.86 -5.63
CA GLY A 161 -22.56 -3.17 -6.25
C GLY A 161 -21.30 -3.99 -6.16
N VAL A 162 -20.42 -3.73 -5.20
CA VAL A 162 -19.23 -4.55 -5.00
C VAL A 162 -19.62 -5.83 -4.28
N SER A 163 -19.01 -6.96 -4.67
CA SER A 163 -19.35 -8.24 -4.06
C SER A 163 -18.90 -8.30 -2.60
N ARG A 164 -19.50 -9.24 -1.85
CA ARG A 164 -19.06 -9.43 -0.47
C ARG A 164 -17.59 -9.81 -0.38
N GLU A 165 -17.11 -10.61 -1.33
CA GLU A 165 -15.69 -10.99 -1.35
C GLU A 165 -14.81 -9.75 -1.49
N ASN A 166 -15.18 -8.84 -2.37
CA ASN A 166 -14.34 -7.66 -2.56
C ASN A 166 -14.52 -6.63 -1.45
N ILE A 167 -15.72 -6.56 -0.85
CA ILE A 167 -15.88 -5.76 0.36
C ILE A 167 -14.96 -6.27 1.46
N MET A 168 -14.89 -7.59 1.62
CA MET A 168 -14.02 -8.16 2.66
C MET A 168 -12.57 -7.80 2.39
N LYS A 169 -12.14 -7.84 1.13
CA LYS A 169 -10.76 -7.50 0.83
CA LYS A 169 -10.76 -7.50 0.81
C LYS A 169 -10.44 -6.05 1.19
N ASP A 170 -11.34 -5.12 0.88
CA ASP A 170 -11.08 -3.74 1.27
C ASP A 170 -11.08 -3.59 2.79
N TYR A 171 -12.00 -4.31 3.44
CA TYR A 171 -12.11 -4.26 4.90
C TYR A 171 -10.80 -4.71 5.55
N LEU A 172 -10.22 -5.80 5.06
CA LEU A 172 -9.00 -6.35 5.66
C LEU A 172 -7.76 -5.52 5.38
N LYS A 173 -7.80 -4.57 4.43
CA LYS A 173 -6.66 -3.69 4.20
C LYS A 173 -6.30 -2.88 5.43
N SER A 174 -7.23 -2.75 6.40
CA SER A 174 -6.93 -2.06 7.66
C SER A 174 -5.85 -2.78 8.46
N ASN A 175 -5.56 -4.04 8.13
CA ASN A 175 -4.54 -4.77 8.87
C ASN A 175 -3.12 -4.29 8.59
N ASP A 176 -2.89 -3.54 7.51
CA ASP A 176 -1.57 -2.92 7.36
C ASP A 176 -1.32 -1.88 8.45
N PHE A 177 -2.31 -0.99 8.66
CA PHE A 177 -2.26 -0.08 9.79
C PHE A 177 -2.17 -0.83 11.11
N ALA A 178 -2.92 -1.93 11.25
CA ALA A 178 -2.87 -2.70 12.49
C ALA A 178 -1.45 -3.18 12.79
N ASP A 179 -0.73 -3.66 11.77
CA ASP A 179 0.64 -4.12 11.99
C ASP A 179 1.51 -3.02 12.58
N LYS A 180 1.35 -1.79 12.09
CA LYS A 180 2.12 -0.68 12.64
C LYS A 180 1.65 -0.33 14.05
N GLU A 181 0.35 -0.40 14.30
CA GLU A 181 -0.16 -0.13 15.64
C GLU A 181 0.30 -1.17 16.65
N ILE A 182 0.40 -2.43 16.22
CA ILE A 182 0.90 -3.48 17.12
C ILE A 182 2.35 -3.20 17.52
N GLU A 183 3.19 -2.81 16.56
CA GLU A 183 4.58 -2.50 16.89
C GLU A 183 4.66 -1.30 17.82
N ARG A 184 3.82 -0.28 17.58
CA ARG A 184 3.78 0.87 18.47
C ARG A 184 3.38 0.47 19.88
N PHE A 185 2.39 -0.43 19.99
CA PHE A 185 1.95 -0.87 21.31
C PHE A 185 3.03 -1.67 22.04
N ILE A 186 3.77 -2.51 21.32
CA ILE A 186 4.82 -3.30 21.96
C ILE A 186 5.96 -2.41 22.45
N GLU A 187 6.20 -1.28 21.76
CA GLU A 187 7.14 -0.31 22.29
C GLU A 187 6.64 0.29 23.60
N TYR A 188 5.33 0.53 23.70
CA TYR A 188 4.75 1.10 24.91
C TYR A 188 4.73 0.09 26.05
N LYS A 189 4.37 -1.16 25.77
CA LYS A 189 4.29 -2.22 26.79
C LYS A 189 5.13 -3.42 26.35
N PRO A 190 6.45 -3.37 26.58
CA PRO A 190 7.32 -4.48 26.16
C PRO A 190 6.96 -5.83 26.79
N LYS A 191 6.18 -5.86 27.88
CA LYS A 191 5.80 -7.12 28.49
C LYS A 191 4.96 -8.00 27.58
N PHE A 192 4.36 -7.42 26.53
CA PHE A 192 3.53 -8.16 25.60
C PHE A 192 4.27 -8.53 24.32
N LYS A 193 5.59 -8.41 24.30
CA LYS A 193 6.32 -8.63 23.06
C LYS A 193 6.22 -10.07 22.57
N ASP A 194 5.88 -11.02 23.44
CA ASP A 194 5.75 -12.41 23.05
C ASP A 194 4.30 -12.89 22.94
N ILE A 195 3.33 -12.00 23.13
CA ILE A 195 1.95 -12.34 22.75
C ILE A 195 1.91 -12.58 21.23
N PRO A 196 1.26 -13.64 20.75
CA PRO A 196 1.17 -13.83 19.30
C PRO A 196 0.59 -12.60 18.62
N LYS A 197 1.27 -12.15 17.57
CA LYS A 197 0.84 -10.93 16.88
C LYS A 197 -0.56 -11.09 16.30
N GLU A 198 -0.90 -12.29 15.82
CA GLU A 198 -2.25 -12.52 15.33
C GLU A 198 -3.29 -12.30 16.41
N ASN A 199 -2.91 -12.54 17.68
CA ASN A 199 -3.84 -12.28 18.78
C ASN A 199 -4.02 -10.78 19.00
N LEU A 200 -2.92 -10.02 19.01
CA LEU A 200 -3.04 -8.57 19.11
C LEU A 200 -3.80 -7.97 17.93
N LYS A 201 -3.79 -8.64 16.78
CA LYS A 201 -4.52 -8.12 15.63
C LYS A 201 -6.03 -8.16 15.83
N TYR A 202 -6.54 -9.04 16.69
CA TYR A 202 -7.97 -9.00 17.00
C TYR A 202 -8.38 -7.71 17.71
N ILE A 203 -7.42 -7.05 18.37
CA ILE A 203 -7.67 -5.80 19.06
C ILE A 203 -7.31 -4.61 18.18
N PHE A 204 -6.11 -4.59 17.63
CA PHE A 204 -5.64 -3.45 16.86
C PHE A 204 -6.05 -3.51 15.39
N GLY A 205 -6.50 -4.66 14.93
CA GLY A 205 -6.84 -4.84 13.54
C GLY A 205 -8.24 -5.42 13.38
N VAL A 206 -8.41 -6.14 12.28
CA VAL A 206 -9.72 -6.64 11.88
C VAL A 206 -9.59 -8.10 11.46
N ASN A 207 -10.73 -8.76 11.40
CA ASN A 207 -10.79 -10.20 11.18
C ASN A 207 -12.07 -10.48 10.42
N GLU A 208 -12.05 -11.54 9.61
CA GLU A 208 -13.19 -11.88 8.78
C GLU A 208 -14.47 -12.06 9.60
N GLU A 209 -14.35 -12.62 10.80
CA GLU A 209 -15.54 -12.90 11.59
C GLU A 209 -16.31 -11.64 11.96
N TYR A 210 -15.62 -10.51 12.18
CA TYR A 210 -16.31 -9.28 12.53
C TYR A 210 -17.24 -8.84 11.41
N MET A 211 -16.70 -8.75 10.19
CA MET A 211 -17.54 -8.34 9.06
C MET A 211 -18.61 -9.38 8.76
N LYS A 212 -18.29 -10.66 8.93
CA LYS A 212 -19.29 -11.70 8.73
C LYS A 212 -20.44 -11.53 9.71
N THR A 213 -20.16 -11.07 10.93
CA THR A 213 -21.25 -10.83 11.89
C THR A 213 -22.15 -9.70 11.43
N ALA A 214 -21.56 -8.63 10.87
CA ALA A 214 -22.37 -7.55 10.33
C ALA A 214 -23.23 -8.05 9.16
N PHE A 215 -22.62 -8.82 8.25
N PHE A 215 -22.65 -8.85 8.27
CA PHE A 215 -23.38 -9.43 7.17
CA PHE A 215 -23.42 -9.39 7.16
C PHE A 215 -24.50 -10.30 7.71
C PHE A 215 -24.47 -10.40 7.63
N ARG A 216 -24.22 -11.08 8.76
CA ARG A 216 -25.23 -11.99 9.31
C ARG A 216 -26.42 -11.22 9.84
N ARG A 217 -26.18 -10.08 10.50
CA ARG A 217 -27.31 -9.24 10.92
C ARG A 217 -28.14 -8.79 9.72
N ILE A 218 -27.47 -8.32 8.67
CA ILE A 218 -28.20 -7.94 7.45
C ILE A 218 -29.02 -9.10 6.93
N ASP A 219 -28.43 -10.30 6.87
CA ASP A 219 -29.10 -11.45 6.26
C ASP A 219 -30.24 -11.97 7.13
N GLU A 220 -30.16 -11.78 8.44
CA GLU A 220 -31.27 -12.17 9.31
C GLU A 220 -32.47 -11.25 9.14
N GLU A 221 -32.23 -9.97 8.80
CA GLU A 221 -33.30 -8.99 8.70
C GLU A 221 -33.85 -8.86 7.29
N TYR A 222 -33.06 -9.16 6.26
CA TYR A 222 -33.44 -8.86 4.89
C TYR A 222 -33.04 -10.00 3.97
N ILE A 223 -33.86 -10.24 2.94
CA ILE A 223 -33.60 -11.36 2.03
C ILE A 223 -32.46 -11.11 1.05
N SER A 224 -31.99 -9.87 0.93
CA SER A 224 -30.97 -9.52 -0.03
C SER A 224 -30.37 -8.18 0.36
N VAL A 225 -29.18 -7.89 -0.17
N VAL A 225 -29.24 -7.85 -0.23
CA VAL A 225 -28.55 -6.59 0.08
CA VAL A 225 -28.63 -6.53 -0.05
C VAL A 225 -29.43 -5.47 -0.46
C VAL A 225 -29.51 -5.45 -0.66
N GLU A 226 -30.07 -5.70 -1.61
N GLU A 226 -30.32 -5.91 -1.88
CA GLU A 226 -30.98 -4.71 -2.18
CA GLU A 226 -31.06 -4.70 -2.26
C GLU A 226 -32.13 -4.41 -1.23
C GLU A 226 -32.21 -4.40 -1.30
N ALA A 227 -32.71 -5.45 -0.64
CA ALA A 227 -33.80 -5.25 0.32
C ALA A 227 -33.31 -4.47 1.54
N TYR A 228 -32.10 -4.76 2.00
CA TYR A 228 -31.49 -4.02 3.11
C TYR A 228 -31.35 -2.54 2.75
N LEU A 229 -30.83 -2.24 1.57
CA LEU A 229 -30.63 -0.83 1.20
C LEU A 229 -31.97 -0.12 1.07
N TYR A 230 -33.00 -0.81 0.60
CA TYR A 230 -34.33 -0.20 0.50
C TYR A 230 -34.94 0.00 1.89
N GLY A 231 -34.85 -1.02 2.74
CA GLY A 231 -35.47 -0.93 4.07
C GLY A 231 -34.78 0.07 4.99
N GLU A 232 -33.45 0.15 4.93
CA GLU A 232 -32.72 0.99 5.87
C GLU A 232 -32.51 2.42 5.35
N PHE A 233 -32.38 2.58 4.03
CA PHE A 233 -32.00 3.87 3.46
C PHE A 233 -32.98 4.39 2.42
N ASN A 234 -34.10 3.69 2.20
CA ASN A 234 -35.09 4.07 1.20
C ASN A 234 -34.48 4.17 -0.20
N LEU A 235 -33.48 3.33 -0.49
CA LEU A 235 -32.87 3.29 -1.82
C LEU A 235 -33.60 2.23 -2.64
N ASN A 236 -34.51 2.67 -3.51
CA ASN A 236 -35.16 1.73 -4.42
C ASN A 236 -34.22 1.38 -5.57
N LYS A 237 -34.63 0.40 -6.38
CA LYS A 237 -33.75 -0.12 -7.43
C LYS A 237 -33.36 0.96 -8.43
N GLU A 238 -34.31 1.78 -8.87
CA GLU A 238 -33.96 2.81 -9.86
C GLU A 238 -32.99 3.82 -9.29
N GLU A 239 -33.12 4.17 -8.00
CA GLU A 239 -32.16 5.11 -7.42
C GLU A 239 -30.77 4.50 -7.36
N ILE A 240 -30.67 3.21 -7.02
CA ILE A 240 -29.38 2.54 -7.02
C ILE A 240 -28.78 2.53 -8.43
N ARG A 241 -29.62 2.25 -9.44
CA ARG A 241 -29.14 2.27 -10.81
CA ARG A 241 -29.14 2.28 -10.83
C ARG A 241 -28.57 3.64 -11.18
N LYS A 242 -29.28 4.70 -10.82
CA LYS A 242 -28.82 6.05 -11.09
C LYS A 242 -27.48 6.34 -10.42
N LEU A 243 -27.36 6.02 -9.12
CA LEU A 243 -26.10 6.27 -8.42
C LEU A 243 -24.95 5.49 -9.06
N ARG A 244 -25.20 4.24 -9.44
CA ARG A 244 -24.15 3.44 -10.06
C ARG A 244 -23.73 4.04 -11.39
N ASN A 245 -24.69 4.58 -12.16
CA ASN A 245 -24.34 5.20 -13.43
C ASN A 245 -23.50 6.46 -13.23
N GLN A 246 -23.68 7.15 -12.10
CA GLN A 246 -22.91 8.35 -11.78
C GLN A 246 -21.51 8.01 -11.26
N TYR A 247 -21.39 6.94 -10.47
CA TYR A 247 -20.20 6.73 -9.65
C TYR A 247 -19.31 5.60 -10.15
N LEU A 248 -19.73 4.86 -11.18
CA LEU A 248 -18.96 3.77 -11.76
C LEU A 248 -18.56 4.12 -13.18
N GLU A 249 -17.45 3.52 -13.62
CA GLU A 249 -16.90 3.73 -14.95
C GLU A 249 -16.65 2.38 -15.65
N GLY B 2 0.45 -13.62 1.07
CA GLY B 2 1.06 -13.24 -0.19
C GLY B 2 2.38 -13.94 -0.46
N GLY B 3 2.73 -14.08 -1.74
CA GLY B 3 3.99 -14.68 -2.14
C GLY B 3 4.89 -13.70 -2.86
N MET B 4 4.36 -12.52 -3.18
CA MET B 4 5.12 -11.47 -3.85
C MET B 4 5.61 -10.50 -2.78
N LYS B 5 6.87 -10.67 -2.38
CA LYS B 5 7.45 -9.95 -1.27
C LYS B 5 8.09 -8.65 -1.77
N ASN B 6 8.21 -7.68 -0.86
CA ASN B 6 8.96 -6.45 -1.13
C ASN B 6 8.41 -5.74 -2.37
N PHE B 7 7.09 -5.68 -2.46
CA PHE B 7 6.38 -5.23 -3.64
C PHE B 7 5.89 -3.81 -3.39
N ARG B 8 6.09 -2.92 -4.36
CA ARG B 8 5.52 -1.59 -4.23
C ARG B 8 5.42 -0.89 -5.58
N ASP B 9 4.47 0.05 -5.66
CA ASP B 9 4.27 0.96 -6.78
C ASP B 9 5.12 2.20 -6.55
N LEU B 10 5.89 2.61 -7.57
CA LEU B 10 6.70 3.81 -7.45
C LEU B 10 5.86 5.08 -7.54
N GLY B 11 4.59 4.96 -7.90
CA GLY B 11 3.71 6.12 -7.92
C GLY B 11 3.64 6.79 -6.56
N GLY B 12 3.42 8.10 -6.59
CA GLY B 12 3.32 8.89 -5.39
C GLY B 12 4.61 9.58 -5.00
N ASN B 13 5.74 9.14 -5.55
CA ASN B 13 7.00 9.83 -5.28
C ASN B 13 6.96 11.22 -5.89
N LYS B 14 7.55 12.17 -5.18
CA LYS B 14 7.56 13.56 -5.61
C LYS B 14 8.80 13.84 -6.44
N THR B 15 8.65 14.73 -7.42
CA THR B 15 9.74 15.10 -8.31
C THR B 15 10.25 16.48 -7.97
N GLU B 16 11.44 16.79 -8.49
CA GLU B 16 12.08 18.07 -8.20
C GLU B 16 11.43 19.23 -8.95
N ASP B 17 10.58 18.97 -9.95
CA ASP B 17 9.83 20.02 -10.63
C ASP B 17 8.43 20.21 -10.04
N GLY B 18 8.16 19.63 -8.87
CA GLY B 18 6.92 19.89 -8.15
C GLY B 18 5.75 19.03 -8.56
N ARG B 19 5.99 17.90 -9.21
CA ARG B 19 4.92 16.98 -9.61
C ARG B 19 5.06 15.67 -8.83
N THR B 20 4.22 14.70 -9.20
CA THR B 20 4.16 13.40 -8.53
C THR B 20 4.11 12.30 -9.58
N VAL B 21 4.81 11.19 -9.31
CA VAL B 21 4.77 10.06 -10.22
C VAL B 21 3.37 9.47 -10.21
N LYS B 22 2.82 9.22 -11.41
CA LYS B 22 1.52 8.58 -11.49
C LYS B 22 1.57 7.18 -10.91
N LYS B 23 0.45 6.77 -10.31
CA LYS B 23 0.34 5.41 -9.83
C LYS B 23 0.00 4.47 -10.98
N GLY B 24 0.25 3.19 -10.75
CA GLY B 24 -0.14 2.15 -11.69
C GLY B 24 0.74 1.98 -12.91
N LEU B 25 1.93 2.57 -12.93
CA LEU B 25 2.81 2.49 -14.10
C LEU B 25 4.08 1.69 -13.86
N PHE B 26 4.69 1.81 -12.70
CA PHE B 26 5.99 1.22 -12.40
C PHE B 26 5.92 0.50 -11.06
N TYR B 27 6.15 -0.81 -11.08
CA TYR B 27 6.16 -1.62 -9.87
C TYR B 27 7.53 -2.28 -9.71
N ARG B 28 7.87 -2.57 -8.46
CA ARG B 28 9.08 -3.31 -8.11
C ARG B 28 8.73 -4.40 -7.12
N SER B 29 9.46 -5.52 -7.16
CA SER B 29 9.18 -6.64 -6.26
C SER B 29 10.39 -7.57 -6.17
N ALA B 30 10.29 -8.52 -5.24
CA ALA B 30 11.13 -9.70 -5.22
C ALA B 30 10.63 -10.70 -6.26
N LYS B 31 11.18 -11.92 -6.26
CA LYS B 31 10.98 -12.83 -7.38
C LYS B 31 9.52 -13.27 -7.52
N LEU B 32 9.18 -13.70 -8.74
CA LEU B 32 7.82 -14.08 -9.10
C LEU B 32 7.84 -15.51 -9.65
N SER B 33 8.15 -16.46 -8.76
CA SER B 33 8.28 -17.86 -9.13
C SER B 33 7.19 -18.65 -8.42
N ASN B 34 6.61 -19.62 -9.14
CA ASN B 34 5.54 -20.48 -8.60
C ASN B 34 4.42 -19.67 -7.96
N LEU B 35 3.93 -18.68 -8.71
CA LEU B 35 2.92 -17.77 -8.19
C LEU B 35 1.62 -18.49 -7.87
N SER B 36 1.00 -18.10 -6.76
CA SER B 36 -0.33 -18.59 -6.42
C SER B 36 -1.36 -18.06 -7.42
N GLU B 37 -2.55 -18.65 -7.36
CA GLU B 37 -3.63 -18.21 -8.22
C GLU B 37 -4.02 -16.77 -7.91
N ASN B 38 -4.07 -16.42 -6.62
CA ASN B 38 -4.42 -15.05 -6.24
C ASN B 38 -3.35 -14.06 -6.68
N ASP B 39 -2.07 -14.47 -6.63
CA ASP B 39 -1.01 -13.55 -7.04
C ASP B 39 -1.02 -13.34 -8.54
N ILE B 40 -1.27 -14.40 -9.31
CA ILE B 40 -1.45 -14.25 -10.76
C ILE B 40 -2.61 -13.30 -11.03
N LYS B 41 -3.69 -13.47 -10.27
CA LYS B 41 -4.85 -12.61 -10.42
C LYS B 41 -4.51 -11.15 -10.11
N ILE B 42 -3.68 -10.92 -9.08
CA ILE B 42 -3.33 -9.56 -8.70
C ILE B 42 -2.58 -8.86 -9.82
N LEU B 43 -1.61 -9.56 -10.42
CA LEU B 43 -0.83 -8.96 -11.50
C LEU B 43 -1.70 -8.68 -12.71
N LYS B 44 -2.69 -9.53 -12.97
CA LYS B 44 -3.62 -9.28 -14.06
C LYS B 44 -4.50 -8.07 -13.77
N GLU B 45 -4.94 -7.93 -12.52
CA GLU B 45 -5.78 -6.80 -12.14
C GLU B 45 -5.03 -5.47 -12.29
N LEU B 46 -3.72 -5.48 -12.06
CA LEU B 46 -2.88 -4.30 -12.22
C LEU B 46 -2.57 -3.98 -13.68
N ASN B 47 -3.02 -4.82 -14.62
CA ASN B 47 -2.90 -4.58 -16.06
C ASN B 47 -1.45 -4.59 -16.55
N ILE B 48 -0.57 -5.30 -15.85
CA ILE B 48 0.85 -5.27 -16.20
C ILE B 48 1.07 -5.87 -17.58
N LYS B 49 1.89 -5.19 -18.39
CA LYS B 49 2.17 -5.62 -19.75
C LYS B 49 3.52 -6.31 -19.88
N TYR B 50 4.51 -5.90 -19.08
CA TYR B 50 5.83 -6.48 -19.12
C TYR B 50 6.30 -6.76 -17.71
N ILE B 51 6.92 -7.93 -17.52
CA ILE B 51 7.64 -8.25 -16.30
C ILE B 51 9.11 -8.38 -16.68
N PHE B 52 9.94 -7.53 -16.05
CA PHE B 52 11.37 -7.45 -16.36
C PHE B 52 12.16 -8.07 -15.21
N ASP B 53 12.94 -9.09 -15.53
CA ASP B 53 13.65 -9.94 -14.59
C ASP B 53 15.15 -9.68 -14.72
N TYR B 54 15.81 -9.35 -13.59
CA TYR B 54 17.24 -9.06 -13.57
C TYR B 54 18.09 -10.28 -13.23
N ARG B 55 17.49 -11.45 -13.05
CA ARG B 55 18.22 -12.57 -12.47
C ARG B 55 19.15 -13.24 -13.46
N SER B 56 20.12 -13.98 -12.92
CA SER B 56 21.08 -14.69 -13.74
C SER B 56 20.44 -15.95 -14.33
N ASP B 57 21.15 -16.55 -15.29
CA ASP B 57 20.68 -17.81 -15.89
C ASP B 57 20.50 -18.89 -14.83
N GLU B 58 21.45 -18.98 -13.88
CA GLU B 58 21.37 -20.02 -12.86
C GLU B 58 20.20 -19.79 -11.91
N GLU B 59 19.97 -18.55 -11.49
CA GLU B 59 18.82 -18.25 -10.66
C GLU B 59 17.53 -18.60 -11.38
N ALA B 60 17.46 -18.29 -12.69
CA ALA B 60 16.23 -18.53 -13.44
C ALA B 60 16.01 -20.02 -13.71
N ARG B 61 17.09 -20.78 -13.89
CA ARG B 61 16.95 -22.22 -14.05
C ARG B 61 16.42 -22.87 -12.78
N LYS B 62 16.88 -22.39 -11.61
CA LYS B 62 16.47 -22.97 -10.33
C LYS B 62 15.05 -22.57 -9.95
N HIS B 63 14.69 -21.30 -10.16
CA HIS B 63 13.35 -20.80 -9.86
C HIS B 63 12.80 -20.09 -11.09
N PRO B 64 12.32 -20.85 -12.07
CA PRO B 64 11.73 -20.23 -13.27
C PRO B 64 10.59 -19.29 -12.90
N SER B 65 10.53 -18.16 -13.60
CA SER B 65 9.44 -17.24 -13.40
C SER B 65 8.14 -17.81 -13.94
N THR B 66 7.05 -17.50 -13.24
CA THR B 66 5.72 -17.81 -13.75
C THR B 66 5.48 -17.04 -15.04
N ILE B 67 4.88 -17.72 -16.02
CA ILE B 67 4.50 -17.11 -17.29
C ILE B 67 2.99 -16.91 -17.27
N ILE B 68 2.55 -15.66 -17.43
CA ILE B 68 1.15 -15.29 -17.35
C ILE B 68 0.67 -14.90 -18.75
N SER B 69 -0.53 -15.37 -19.11
CA SER B 69 -1.09 -15.06 -20.41
C SER B 69 -1.19 -13.55 -20.60
N ASN B 70 -0.74 -13.09 -21.77
CA ASN B 70 -0.82 -11.69 -22.19
C ASN B 70 0.07 -10.76 -21.37
N ILE B 71 1.05 -11.30 -20.65
CA ILE B 71 2.10 -10.49 -20.00
C ILE B 71 3.43 -11.00 -20.50
N LYS B 72 4.24 -10.10 -21.06
CA LYS B 72 5.51 -10.48 -21.65
C LYS B 72 6.61 -10.52 -20.61
N ASN B 73 7.29 -11.66 -20.50
CA ASN B 73 8.45 -11.81 -19.64
C ASN B 73 9.71 -11.51 -20.42
N ILE B 74 10.58 -10.67 -19.85
CA ILE B 74 11.91 -10.41 -20.37
C ILE B 74 12.90 -10.56 -19.23
N ARG B 75 13.95 -11.34 -19.44
CA ARG B 75 15.02 -11.47 -18.45
C ARG B 75 16.36 -11.17 -19.10
N ILE B 76 17.09 -10.22 -18.51
CA ILE B 76 18.49 -9.96 -18.86
C ILE B 76 19.25 -9.83 -17.56
N PRO B 77 20.28 -10.64 -17.32
CA PRO B 77 21.00 -10.56 -16.04
C PRO B 77 21.61 -9.18 -15.86
N ALA B 78 21.36 -8.59 -14.68
CA ALA B 78 21.92 -7.29 -14.35
C ALA B 78 23.35 -7.37 -13.84
N MET B 79 23.77 -8.54 -13.35
CA MET B 79 25.14 -8.74 -12.91
C MET B 79 25.83 -9.77 -13.81
N ARG B 80 27.15 -9.69 -13.84
CA ARG B 80 27.99 -10.63 -14.60
C ARG B 80 27.63 -12.10 -14.35
N ILE B 92 23.80 -18.27 4.85
CA ILE B 92 23.52 -17.04 5.58
C ILE B 92 24.39 -16.93 6.83
N GLU B 93 24.58 -18.07 7.52
CA GLU B 93 25.41 -18.07 8.72
C GLU B 93 26.86 -17.72 8.39
N ASP B 94 27.39 -18.26 7.27
CA ASP B 94 28.75 -17.94 6.88
C ASP B 94 28.89 -16.47 6.50
N MET B 95 27.89 -15.92 5.81
CA MET B 95 27.94 -14.51 5.44
C MET B 95 27.98 -13.61 6.67
N ILE B 96 27.25 -13.99 7.72
CA ILE B 96 27.14 -13.12 8.89
C ILE B 96 28.49 -12.97 9.58
N ASP B 97 29.18 -14.09 9.81
CA ASP B 97 30.41 -14.06 10.59
C ASP B 97 31.51 -13.27 9.88
N GLY B 98 31.60 -13.39 8.56
CA GLY B 98 32.68 -12.74 7.83
C GLY B 98 32.28 -11.48 7.11
N LEU B 99 31.19 -10.84 7.58
CA LEU B 99 30.56 -9.72 6.88
C LEU B 99 31.55 -8.65 6.43
N PHE B 100 32.48 -8.28 7.31
CA PHE B 100 33.35 -7.14 7.04
C PHE B 100 34.78 -7.53 6.70
N GLU B 101 35.04 -8.80 6.38
CA GLU B 101 36.37 -9.17 5.97
C GLU B 101 36.63 -8.74 4.53
N LYS B 102 37.90 -8.82 4.11
CA LYS B 102 38.26 -8.41 2.76
C LYS B 102 37.39 -9.08 1.70
N ASP B 103 37.15 -10.38 1.87
CA ASP B 103 36.30 -11.16 0.98
C ASP B 103 34.85 -11.20 1.44
N GLY B 104 34.47 -10.39 2.43
CA GLY B 104 33.20 -10.54 3.08
C GLY B 104 32.02 -10.04 2.26
N ALA B 105 30.83 -10.29 2.82
CA ALA B 105 29.59 -9.97 2.13
C ALA B 105 29.42 -8.47 1.90
N PHE B 106 29.93 -7.63 2.81
CA PHE B 106 29.78 -6.19 2.60
C PHE B 106 30.55 -5.72 1.36
N ASN B 107 31.84 -6.08 1.27
CA ASN B 107 32.63 -5.65 0.13
C ASN B 107 32.09 -6.21 -1.17
N MET B 108 31.66 -7.47 -1.16
CA MET B 108 31.18 -8.09 -2.40
C MET B 108 29.93 -7.37 -2.91
N LEU B 109 28.99 -7.08 -2.01
CA LEU B 109 27.78 -6.38 -2.44
C LEU B 109 28.07 -4.93 -2.79
N ASN B 110 28.86 -4.25 -1.97
CA ASN B 110 29.21 -2.86 -2.27
CA ASN B 110 29.22 -2.86 -2.26
C ASN B 110 29.89 -2.75 -3.63
N ASN B 111 30.82 -3.66 -3.93
CA ASN B 111 31.50 -3.63 -5.21
C ASN B 111 30.52 -3.89 -6.35
N SER B 112 29.51 -4.73 -6.12
CA SER B 112 28.52 -4.96 -7.17
CA SER B 112 28.51 -4.96 -7.16
C SER B 112 27.74 -3.68 -7.48
N TYR B 113 27.40 -2.90 -6.45
CA TYR B 113 26.70 -1.63 -6.69
C TYR B 113 27.56 -0.67 -7.50
N TYR B 114 28.88 -0.70 -7.31
CA TYR B 114 29.76 0.19 -8.06
C TYR B 114 29.69 -0.10 -9.55
N ASN B 115 29.40 -1.34 -9.93
CA ASN B 115 29.38 -1.69 -11.34
C ASN B 115 27.97 -1.64 -11.94
N LEU B 116 26.92 -1.82 -11.13
CA LEU B 116 25.55 -1.94 -11.64
C LEU B 116 25.10 -0.83 -12.58
N PRO B 117 25.29 0.46 -12.29
CA PRO B 117 24.59 1.48 -13.08
C PRO B 117 25.17 1.78 -14.44
N ILE B 118 26.37 1.30 -14.75
CA ILE B 118 27.11 1.72 -15.93
C ILE B 118 27.25 0.54 -16.89
N ASN B 119 27.03 0.81 -18.18
CA ASN B 119 27.22 -0.17 -19.26
C ASN B 119 26.46 -1.46 -18.99
N ASN B 120 25.21 -1.32 -18.53
CA ASN B 120 24.46 -2.48 -18.09
C ASN B 120 23.43 -2.86 -19.14
N PRO B 121 23.58 -3.99 -19.84
CA PRO B 121 22.60 -4.34 -20.88
C PRO B 121 21.20 -4.52 -20.34
N SER B 122 21.09 -4.90 -19.06
CA SER B 122 19.77 -5.14 -18.50
C SER B 122 19.03 -3.83 -18.28
N TYR B 123 19.65 -2.88 -17.57
CA TYR B 123 19.02 -1.57 -17.40
C TYR B 123 18.78 -0.87 -18.73
N LYS B 124 19.66 -1.07 -19.71
CA LYS B 124 19.46 -0.43 -21.00
C LYS B 124 18.18 -0.93 -21.66
N LYS B 125 17.92 -2.23 -21.58
CA LYS B 125 16.69 -2.78 -22.13
C LYS B 125 15.47 -2.28 -21.36
N LEU B 126 15.57 -2.21 -20.03
CA LEU B 126 14.49 -1.69 -19.21
C LEU B 126 14.11 -0.27 -19.63
N VAL B 127 15.11 0.59 -19.79
CA VAL B 127 14.83 1.96 -20.19
C VAL B 127 14.26 2.01 -21.59
N GLU B 128 14.77 1.18 -22.51
CA GLU B 128 14.18 1.14 -23.84
C GLU B 128 12.70 0.82 -23.78
N LEU B 129 12.31 -0.12 -22.91
CA LEU B 129 10.89 -0.47 -22.79
C LEU B 129 10.07 0.71 -22.25
N ILE B 130 10.58 1.40 -21.23
CA ILE B 130 9.77 2.43 -20.58
C ILE B 130 9.70 3.73 -21.37
N ARG B 131 10.49 3.86 -22.44
CA ARG B 131 10.37 5.02 -23.33
C ARG B 131 9.04 5.05 -24.06
N ASP B 132 8.34 3.92 -24.12
CA ASP B 132 7.10 3.78 -24.86
C ASP B 132 5.97 3.57 -23.86
N TYR B 133 5.14 4.60 -23.71
CA TYR B 133 4.00 4.56 -22.80
C TYR B 133 3.16 3.29 -22.98
N SER B 134 3.05 2.79 -24.22
CA SER B 134 2.24 1.62 -24.50
CA SER B 134 2.23 1.62 -24.48
C SER B 134 2.81 0.34 -23.91
N ASN B 135 4.04 0.35 -23.41
CA ASN B 135 4.62 -0.82 -22.77
C ASN B 135 4.32 -0.88 -21.28
N LEU B 136 3.70 0.14 -20.73
CA LEU B 136 3.40 0.20 -19.31
C LEU B 136 1.99 -0.31 -19.05
N PRO B 137 1.69 -0.79 -17.85
CA PRO B 137 2.57 -0.86 -16.65
C PRO B 137 3.66 -1.93 -16.78
N ILE B 138 4.78 -1.68 -16.10
CA ILE B 138 5.89 -2.62 -16.06
C ILE B 138 6.18 -2.96 -14.60
N LEU B 139 6.62 -4.19 -14.38
CA LEU B 139 7.11 -4.63 -13.08
CA LEU B 139 7.10 -4.63 -13.08
C LEU B 139 8.54 -5.11 -13.25
N ASN B 140 9.44 -4.58 -12.41
CA ASN B 140 10.85 -4.99 -12.42
C ASN B 140 11.19 -5.71 -11.12
N HIS B 141 11.91 -6.84 -11.25
CA HIS B 141 12.19 -7.67 -10.08
C HIS B 141 13.49 -8.43 -10.26
N CYS B 142 14.06 -8.85 -9.13
CA CYS B 142 15.19 -9.77 -9.15
C CYS B 142 14.87 -10.92 -8.20
N THR B 143 15.78 -11.25 -7.28
CA THR B 143 15.48 -12.31 -6.32
C THR B 143 14.87 -11.77 -5.03
N ALA B 144 15.57 -10.83 -4.38
CA ALA B 144 15.05 -10.17 -3.18
C ALA B 144 14.40 -8.83 -3.47
N GLY B 145 14.52 -8.33 -4.69
CA GLY B 145 13.94 -7.03 -5.01
C GLY B 145 14.60 -5.87 -4.29
N LYS B 146 15.83 -6.02 -3.83
CA LYS B 146 16.46 -4.96 -3.06
C LYS B 146 17.72 -4.38 -3.69
N ASP B 147 18.51 -5.16 -4.42
CA ASP B 147 19.80 -4.70 -4.95
C ASP B 147 19.73 -4.43 -6.44
N ARG B 148 19.53 -5.46 -7.27
CA ARG B 148 19.41 -5.24 -8.70
C ARG B 148 18.16 -4.41 -9.01
N THR B 149 17.04 -4.73 -8.35
CA THR B 149 15.85 -3.92 -8.46
C THR B 149 16.02 -2.57 -7.78
N GLY B 150 16.88 -2.50 -6.76
CA GLY B 150 17.20 -1.21 -6.16
C GLY B 150 17.79 -0.22 -7.16
N VAL B 151 18.83 -0.66 -7.89
CA VAL B 151 19.43 0.24 -8.88
C VAL B 151 18.49 0.48 -10.07
N GLY B 152 17.78 -0.56 -10.53
CA GLY B 152 16.88 -0.36 -11.65
C GLY B 152 15.77 0.63 -11.32
N SER B 153 15.18 0.49 -10.13
CA SER B 153 14.12 1.40 -9.72
C SER B 153 14.67 2.81 -9.52
N ALA B 154 15.89 2.92 -9.00
CA ALA B 154 16.51 4.23 -8.87
C ALA B 154 16.65 4.90 -10.24
N ILE B 155 17.03 4.14 -11.26
CA ILE B 155 17.18 4.69 -12.61
C ILE B 155 15.83 5.18 -13.13
N ILE B 156 14.77 4.39 -12.93
CA ILE B 156 13.44 4.86 -13.31
C ILE B 156 13.14 6.19 -12.62
N LEU B 157 13.42 6.26 -11.31
CA LEU B 157 13.15 7.50 -10.59
C LEU B 157 14.01 8.65 -11.09
N MET B 158 15.26 8.37 -11.50
CA MET B 158 16.09 9.42 -12.09
C MET B 158 15.46 9.96 -13.38
N ILE B 159 14.97 9.05 -14.23
CA ILE B 159 14.32 9.49 -15.46
C ILE B 159 13.13 10.40 -15.14
N LEU B 160 12.41 10.08 -14.07
CA LEU B 160 11.21 10.82 -13.71
C LEU B 160 11.51 12.14 -13.00
N GLY B 161 12.76 12.38 -12.62
CA GLY B 161 13.14 13.61 -11.96
C GLY B 161 13.03 13.59 -10.45
N VAL B 162 13.08 12.41 -9.83
CA VAL B 162 13.00 12.31 -8.38
C VAL B 162 14.38 12.55 -7.79
N SER B 163 14.43 13.30 -6.68
CA SER B 163 15.68 13.64 -6.04
C SER B 163 16.39 12.41 -5.48
N ARG B 164 17.71 12.53 -5.32
CA ARG B 164 18.47 11.44 -4.71
C ARG B 164 18.00 11.12 -3.30
N GLU B 165 17.58 12.14 -2.54
CA GLU B 165 17.05 11.87 -1.20
C GLU B 165 15.79 11.00 -1.27
N ASN B 166 14.90 11.29 -2.22
CA ASN B 166 13.69 10.50 -2.32
C ASN B 166 13.96 9.14 -2.97
N ILE B 167 14.93 9.07 -3.88
CA ILE B 167 15.38 7.77 -4.38
C ILE B 167 15.88 6.91 -3.22
N MET B 168 16.67 7.50 -2.32
CA MET B 168 17.18 6.76 -1.17
C MET B 168 16.05 6.28 -0.27
N LYS B 169 15.02 7.11 -0.09
CA LYS B 169 13.90 6.71 0.76
C LYS B 169 13.20 5.48 0.20
N ASP B 170 12.94 5.47 -1.11
CA ASP B 170 12.32 4.31 -1.73
C ASP B 170 13.25 3.10 -1.68
N TYR B 171 14.56 3.34 -1.86
CA TYR B 171 15.53 2.25 -1.79
C TYR B 171 15.49 1.59 -0.42
N LEU B 172 15.46 2.38 0.65
CA LEU B 172 15.52 1.85 2.00
C LEU B 172 14.21 1.21 2.45
N LYS B 173 13.13 1.38 1.70
CA LYS B 173 11.88 0.72 2.05
C LYS B 173 12.00 -0.81 1.99
N SER B 174 13.01 -1.34 1.29
CA SER B 174 13.26 -2.78 1.32
C SER B 174 13.57 -3.29 2.71
N ASN B 175 13.96 -2.40 3.62
CA ASN B 175 14.26 -2.82 4.99
C ASN B 175 13.01 -3.12 5.80
N ASP B 176 11.82 -2.74 5.32
CA ASP B 176 10.59 -3.18 6.00
C ASP B 176 10.47 -4.70 5.96
N PHE B 177 10.63 -5.28 4.77
CA PHE B 177 10.61 -6.74 4.65
C PHE B 177 11.84 -7.34 5.32
N ALA B 178 13.00 -6.70 5.17
CA ALA B 178 14.22 -7.21 5.80
C ALA B 178 14.07 -7.29 7.31
N ASP B 179 13.44 -6.28 7.93
CA ASP B 179 13.23 -6.33 9.37
C ASP B 179 12.46 -7.59 9.77
N LYS B 180 11.43 -7.93 9.00
CA LYS B 180 10.64 -9.12 9.29
C LYS B 180 11.45 -10.39 9.08
N GLU B 181 12.27 -10.43 8.03
CA GLU B 181 13.12 -11.59 7.79
C GLU B 181 14.12 -11.78 8.92
N ILE B 182 14.70 -10.67 9.39
CA ILE B 182 15.68 -10.74 10.47
C ILE B 182 15.04 -11.27 11.75
N GLU B 183 13.81 -10.84 12.04
CA GLU B 183 13.16 -11.30 13.26
C GLU B 183 12.87 -12.80 13.21
N ARG B 184 12.38 -13.29 12.07
CA ARG B 184 12.17 -14.73 11.92
C ARG B 184 13.50 -15.48 12.01
N PHE B 185 14.54 -14.94 11.40
CA PHE B 185 15.84 -15.62 11.40
C PHE B 185 16.39 -15.77 12.81
N ILE B 186 16.41 -14.68 13.59
CA ILE B 186 17.01 -14.77 14.91
C ILE B 186 16.15 -15.59 15.87
N GLU B 187 14.85 -15.68 15.63
CA GLU B 187 14.03 -16.57 16.45
C GLU B 187 14.33 -18.03 16.12
N TYR B 188 14.59 -18.33 14.84
CA TYR B 188 14.90 -19.69 14.43
C TYR B 188 16.31 -20.10 14.82
N LYS B 189 17.24 -19.14 14.82
CA LYS B 189 18.66 -19.39 15.10
C LYS B 189 19.12 -18.40 16.16
N PRO B 190 18.76 -18.65 17.42
CA PRO B 190 19.02 -17.66 18.48
C PRO B 190 20.50 -17.41 18.76
N LYS B 191 21.41 -18.21 18.22
CA LYS B 191 22.82 -17.87 18.40
C LYS B 191 23.17 -16.52 17.79
N PHE B 192 22.34 -15.99 16.89
CA PHE B 192 22.58 -14.71 16.25
C PHE B 192 21.75 -13.57 16.86
N LYS B 193 21.08 -13.84 17.98
CA LYS B 193 20.10 -12.89 18.50
C LYS B 193 20.71 -11.61 19.05
N ASP B 194 22.01 -11.60 19.34
CA ASP B 194 22.65 -10.44 19.93
C ASP B 194 23.48 -9.63 18.93
N ILE B 195 23.61 -10.10 17.71
CA ILE B 195 24.26 -9.29 16.68
C ILE B 195 23.42 -8.06 16.41
N PRO B 196 24.01 -6.87 16.32
CA PRO B 196 23.22 -5.67 16.03
CA PRO B 196 23.23 -5.66 16.02
C PRO B 196 22.40 -5.85 14.76
N LYS B 197 21.14 -5.40 14.82
N LYS B 197 21.13 -5.43 14.84
CA LYS B 197 20.26 -5.57 13.66
CA LYS B 197 20.24 -5.54 13.68
C LYS B 197 20.71 -4.75 12.47
C LYS B 197 20.81 -4.82 12.48
N GLU B 198 21.43 -3.65 12.70
CA GLU B 198 22.02 -2.90 11.59
C GLU B 198 23.11 -3.70 10.91
N ASN B 199 23.87 -4.49 11.67
CA ASN B 199 24.85 -5.39 11.07
CA ASN B 199 24.85 -5.38 11.09
C ASN B 199 24.18 -6.42 10.20
N LEU B 200 23.12 -7.07 10.71
CA LEU B 200 22.39 -8.07 9.93
C LEU B 200 21.74 -7.45 8.69
N LYS B 201 21.40 -6.15 8.75
CA LYS B 201 20.75 -5.52 7.61
C LYS B 201 21.65 -5.44 6.39
N TYR B 202 22.98 -5.44 6.57
CA TYR B 202 23.88 -5.44 5.43
C TYR B 202 23.69 -6.69 4.56
N ILE B 203 23.15 -7.75 5.14
CA ILE B 203 22.93 -9.03 4.46
C ILE B 203 21.46 -9.23 4.11
N PHE B 204 20.57 -9.06 5.07
CA PHE B 204 19.16 -9.31 4.83
C PHE B 204 18.48 -8.15 4.11
N GLY B 205 19.00 -6.94 4.25
CA GLY B 205 18.37 -5.76 3.71
C GLY B 205 19.35 -4.92 2.93
N VAL B 206 19.23 -3.61 3.09
CA VAL B 206 20.05 -2.65 2.35
C VAL B 206 20.58 -1.61 3.32
N ASN B 207 21.59 -0.89 2.85
CA ASN B 207 22.23 0.17 3.63
C ASN B 207 22.52 1.32 2.68
N GLU B 208 22.40 2.54 3.21
CA GLU B 208 22.60 3.74 2.41
C GLU B 208 23.92 3.72 1.65
N GLU B 209 24.95 3.09 2.21
CA GLU B 209 26.26 3.17 1.56
C GLU B 209 26.30 2.39 0.26
N TYR B 210 25.47 1.34 0.12
CA TYR B 210 25.42 0.63 -1.15
C TYR B 210 24.94 1.56 -2.27
N MET B 211 23.80 2.23 -2.04
CA MET B 211 23.30 3.13 -3.08
C MET B 211 24.23 4.31 -3.29
N LYS B 212 24.89 4.79 -2.22
CA LYS B 212 25.85 5.88 -2.40
C LYS B 212 27.02 5.45 -3.27
N THR B 213 27.38 4.16 -3.22
CA THR B 213 28.42 3.65 -4.12
C THR B 213 27.98 3.71 -5.58
N ALA B 214 26.73 3.35 -5.86
CA ALA B 214 26.22 3.47 -7.22
C ALA B 214 26.18 4.94 -7.66
N PHE B 215 25.74 5.84 -6.77
CA PHE B 215 25.75 7.26 -7.07
C PHE B 215 27.18 7.74 -7.35
N ARG B 216 28.13 7.29 -6.54
CA ARG B 216 29.52 7.67 -6.72
CA ARG B 216 29.52 7.67 -6.72
C ARG B 216 30.02 7.28 -8.10
N ARG B 217 29.69 6.05 -8.53
CA ARG B 217 30.11 5.61 -9.86
C ARG B 217 29.51 6.51 -10.94
N ILE B 218 28.22 6.80 -10.84
CA ILE B 218 27.59 7.70 -11.82
C ILE B 218 28.32 9.03 -11.85
N ASP B 219 28.63 9.59 -10.67
CA ASP B 219 29.24 10.91 -10.61
C ASP B 219 30.69 10.88 -11.08
N GLU B 220 31.35 9.72 -10.97
CA GLU B 220 32.70 9.61 -11.52
C GLU B 220 32.69 9.66 -13.04
N GLU B 221 31.62 9.14 -13.65
CA GLU B 221 31.56 9.01 -15.10
C GLU B 221 30.86 10.16 -15.80
N TYR B 222 29.98 10.88 -15.10
CA TYR B 222 29.11 11.87 -15.72
C TYR B 222 28.96 13.10 -14.85
N ILE B 223 28.89 14.28 -15.48
CA ILE B 223 28.82 15.53 -14.74
C ILE B 223 27.43 15.77 -14.12
N SER B 224 26.41 15.05 -14.58
CA SER B 224 25.05 15.29 -14.09
C SER B 224 24.23 14.05 -14.38
N VAL B 225 23.09 13.96 -13.69
CA VAL B 225 22.17 12.86 -13.97
C VAL B 225 21.67 12.94 -15.42
N GLU B 226 21.48 14.16 -15.95
CA GLU B 226 21.04 14.28 -17.33
C GLU B 226 22.09 13.72 -18.30
N ALA B 227 23.36 13.98 -18.01
CA ALA B 227 24.43 13.43 -18.83
C ALA B 227 24.49 11.91 -18.72
N TYR B 228 24.25 11.36 -17.53
CA TYR B 228 24.20 9.92 -17.34
C TYR B 228 23.09 9.30 -18.18
N LEU B 229 21.90 9.91 -18.15
CA LEU B 229 20.77 9.34 -18.88
C LEU B 229 20.97 9.42 -20.39
N TYR B 230 21.60 10.49 -20.87
CA TYR B 230 21.93 10.53 -22.30
C TYR B 230 23.03 9.54 -22.65
N GLY B 231 24.08 9.48 -21.83
CA GLY B 231 25.22 8.64 -22.16
C GLY B 231 24.90 7.16 -22.14
N GLU B 232 24.10 6.72 -21.17
CA GLU B 232 23.80 5.29 -21.05
C GLU B 232 22.58 4.87 -21.86
N PHE B 233 21.56 5.73 -21.96
CA PHE B 233 20.28 5.33 -22.50
C PHE B 233 19.84 6.17 -23.71
N ASN B 234 20.67 7.10 -24.16
CA ASN B 234 20.34 7.94 -25.32
C ASN B 234 19.07 8.77 -25.09
N LEU B 235 18.80 9.15 -23.84
CA LEU B 235 17.65 9.99 -23.52
C LEU B 235 18.08 11.44 -23.58
N ASN B 236 17.60 12.18 -24.59
CA ASN B 236 17.91 13.60 -24.71
C ASN B 236 16.91 14.45 -23.92
N LYS B 237 17.16 15.77 -23.88
CA LYS B 237 16.37 16.64 -23.02
C LYS B 237 14.90 16.66 -23.44
N GLU B 238 14.64 16.70 -24.75
CA GLU B 238 13.26 16.70 -25.22
C GLU B 238 12.54 15.40 -24.88
N GLU B 239 13.26 14.28 -25.01
CA GLU B 239 12.65 12.98 -24.71
C GLU B 239 12.32 12.87 -23.22
N ILE B 240 13.22 13.33 -22.35
CA ILE B 240 12.95 13.32 -20.92
CA ILE B 240 12.95 13.33 -20.91
C ILE B 240 11.76 14.23 -20.59
N ARG B 241 11.71 15.41 -21.21
CA ARG B 241 10.58 16.32 -20.99
C ARG B 241 9.26 15.64 -21.35
N LYS B 242 9.24 14.92 -22.48
CA LYS B 242 8.00 14.28 -22.92
CA LYS B 242 8.01 14.27 -22.93
C LYS B 242 7.62 13.11 -22.02
N LEU B 243 8.59 12.30 -21.60
CA LEU B 243 8.28 11.21 -20.67
C LEU B 243 7.72 11.75 -19.37
N ARG B 244 8.32 12.83 -18.84
CA ARG B 244 7.84 13.37 -17.58
C ARG B 244 6.43 13.93 -17.72
N ASN B 245 6.11 14.54 -18.87
CA ASN B 245 4.74 15.00 -19.07
C ASN B 245 3.76 13.84 -19.15
N GLN B 246 4.22 12.67 -19.60
CA GLN B 246 3.34 11.50 -19.69
C GLN B 246 3.18 10.78 -18.35
N TYR B 247 4.22 10.74 -17.54
CA TYR B 247 4.27 9.84 -16.39
C TYR B 247 4.10 10.54 -15.06
N LEU B 248 4.04 11.87 -15.05
CA LEU B 248 3.87 12.66 -13.84
C LEU B 248 2.54 13.40 -13.87
N GLU B 249 2.06 13.78 -12.69
CA GLU B 249 0.83 14.56 -12.59
C GLU B 249 0.95 15.61 -11.49
#